data_1WST
#
_entry.id   1WST
#
_cell.length_a   73.930
_cell.length_b   117.780
_cell.length_c   115.870
_cell.angle_alpha   90.00
_cell.angle_beta   90.00
_cell.angle_gamma   90.00
#
_symmetry.space_group_name_H-M   'C 2 2 21'
#
loop_
_entity.id
_entity.type
_entity.pdbx_description
1 polymer 'multiple substrate aminotransferase'
2 non-polymer "PYRIDOXAL-5'-PHOSPHATE"
3 water water
#
_entity_poly.entity_id   1
_entity_poly.type   'polypeptide(L)'
_entity_poly.pdbx_seq_one_letter_code
;MKKLEKKLSAEPINFDSFFSEKAMLMKASEVRELLKLVETSDVISLAGGLPAPETFPVETIKKIAVEVLEEHADKALQYG
TTKGFTPLRLALARWMEKRYDIPMSKVEIMTVAGSQQALDLIGRVFLNPGDPIVVEAPTYLAAIQAFKYYDPEFISIPLD
DKGMRVDLLEEKLEELRKQGKRVKIVYTVSTFQNPAGVTMSVDRRKKLLELANEYDFLIVEDGPYSELRYSGEPTPPIKH
FDDYGRVIYLGTFSKILAPGFRIGWVAAHPHLIRKMEIAKQSIDLCTNTFGQAIAWKYVENGYLDEHIPKIIEFYKPRRD
AMLEALEEYMPEGVEWTKPEGGMFVRVTLPEGIDTKLMMERAVAKGVAYVPGEAFFVHRDKKNTMRLNFTYVPEETIREG
VRRLAETIKEEMKRVKG
;
_entity_poly.pdbx_strand_id   A
#
# COMPACT_ATOMS: atom_id res chain seq x y z
N ILE A 13 -32.25 23.82 8.71
CA ILE A 13 -30.81 24.16 8.92
C ILE A 13 -30.00 23.94 7.64
N ASN A 14 -29.23 24.95 7.26
CA ASN A 14 -28.39 24.85 6.08
C ASN A 14 -26.99 24.44 6.54
N PHE A 15 -26.75 23.14 6.58
CA PHE A 15 -25.47 22.60 7.03
C PHE A 15 -24.29 22.97 6.14
N ASP A 16 -24.54 23.09 4.84
CA ASP A 16 -23.47 23.43 3.90
C ASP A 16 -22.72 24.70 4.28
N SER A 17 -23.42 25.67 4.84
CA SER A 17 -22.80 26.93 5.23
C SER A 17 -21.77 26.79 6.34
N PHE A 18 -21.78 25.66 7.04
CA PHE A 18 -20.83 25.45 8.14
C PHE A 18 -19.53 24.79 7.70
N PHE A 19 -19.57 24.04 6.61
CA PHE A 19 -18.40 23.32 6.12
C PHE A 19 -17.22 24.20 5.77
N SER A 20 -16.02 23.71 6.08
CA SER A 20 -14.78 24.41 5.80
C SER A 20 -14.48 24.33 4.30
N GLU A 21 -13.46 25.05 3.86
CA GLU A 21 -13.10 25.05 2.45
C GLU A 21 -12.68 23.65 1.99
N LYS A 22 -11.84 22.99 2.78
CA LYS A 22 -11.41 21.65 2.43
C LYS A 22 -12.58 20.66 2.46
N ALA A 23 -13.52 20.87 3.37
CA ALA A 23 -14.68 19.98 3.48
C ALA A 23 -15.58 20.12 2.26
N MET A 24 -15.68 21.34 1.73
CA MET A 24 -16.50 21.61 0.55
C MET A 24 -15.97 20.85 -0.66
N LEU A 25 -14.65 20.70 -0.73
CA LEU A 25 -14.01 20.00 -1.84
C LEU A 25 -14.21 18.49 -1.77
N MET A 26 -13.75 17.87 -0.69
CA MET A 26 -13.87 16.42 -0.51
C MET A 26 -15.25 15.86 -0.81
N LYS A 27 -15.26 14.70 -1.46
CA LYS A 27 -16.49 14.00 -1.82
C LYS A 27 -16.12 12.57 -2.20
N ALA A 28 -17.10 11.67 -2.18
CA ALA A 28 -16.83 10.27 -2.51
C ALA A 28 -17.91 9.66 -3.41
N SER A 29 -18.32 10.42 -4.43
CA SER A 29 -19.35 9.95 -5.34
C SER A 29 -18.82 8.83 -6.24
N GLU A 30 -17.57 8.96 -6.69
CA GLU A 30 -16.98 7.97 -7.57
C GLU A 30 -16.70 6.62 -6.91
N VAL A 31 -16.40 6.62 -5.62
CA VAL A 31 -16.13 5.37 -4.92
C VAL A 31 -17.46 4.66 -4.69
N ARG A 32 -18.52 5.44 -4.51
CA ARG A 32 -19.85 4.89 -4.30
C ARG A 32 -20.35 4.29 -5.61
N GLU A 33 -20.04 4.97 -6.70
CA GLU A 33 -20.43 4.52 -8.03
C GLU A 33 -19.75 3.19 -8.36
N LEU A 34 -18.48 3.06 -7.99
CA LEU A 34 -17.74 1.84 -8.25
C LEU A 34 -18.25 0.69 -7.39
N LEU A 35 -18.53 0.98 -6.12
CA LEU A 35 -19.03 -0.04 -5.21
C LEU A 35 -20.37 -0.57 -5.71
N LYS A 36 -21.17 0.32 -6.29
CA LYS A 36 -22.48 -0.05 -6.82
C LYS A 36 -22.31 -1.11 -7.92
N LEU A 37 -21.37 -0.88 -8.81
CA LEU A 37 -21.12 -1.81 -9.91
C LEU A 37 -20.56 -3.14 -9.41
N VAL A 38 -19.52 -3.07 -8.59
CA VAL A 38 -18.88 -4.26 -8.05
C VAL A 38 -19.82 -5.16 -7.26
N GLU A 39 -20.78 -4.57 -6.55
CA GLU A 39 -21.71 -5.36 -5.75
C GLU A 39 -22.94 -5.87 -6.50
N THR A 40 -22.98 -5.62 -7.80
CA THR A 40 -24.10 -6.06 -8.62
C THR A 40 -24.19 -7.59 -8.53
N SER A 41 -25.42 -8.11 -8.60
CA SER A 41 -25.64 -9.55 -8.52
C SER A 41 -24.87 -10.31 -9.59
N ASP A 42 -24.46 -11.52 -9.25
CA ASP A 42 -23.76 -12.39 -10.20
C ASP A 42 -22.51 -11.79 -10.82
N VAL A 43 -21.62 -11.24 -9.99
CA VAL A 43 -20.38 -10.66 -10.49
C VAL A 43 -19.18 -11.18 -9.72
N ILE A 44 -18.17 -11.63 -10.43
CA ILE A 44 -16.94 -12.11 -9.77
C ILE A 44 -16.07 -10.87 -9.65
N SER A 45 -15.81 -10.45 -8.43
CA SER A 45 -15.00 -9.25 -8.23
C SER A 45 -13.52 -9.49 -8.10
N LEU A 46 -12.75 -8.83 -8.94
CA LEU A 46 -11.30 -8.90 -8.90
C LEU A 46 -10.87 -7.46 -8.59
N ALA A 47 -11.83 -6.67 -8.13
CA ALA A 47 -11.59 -5.26 -7.82
C ALA A 47 -11.33 -4.97 -6.36
N GLY A 48 -11.37 -5.99 -5.51
CA GLY A 48 -11.14 -5.78 -4.09
C GLY A 48 -9.68 -5.56 -3.72
N GLY A 49 -9.46 -5.00 -2.53
CA GLY A 49 -8.10 -4.76 -2.06
C GLY A 49 -7.93 -5.36 -0.68
N LEU A 50 -8.71 -6.39 -0.39
CA LEU A 50 -8.69 -7.01 0.93
C LEU A 50 -7.94 -8.34 1.03
N PRO A 51 -7.31 -8.59 2.19
CA PRO A 51 -6.58 -9.84 2.36
C PRO A 51 -7.66 -10.91 2.58
N ALA A 52 -7.32 -12.18 2.33
CA ALA A 52 -8.28 -13.26 2.50
C ALA A 52 -8.44 -13.58 3.99
N PRO A 53 -9.70 -13.67 4.45
CA PRO A 53 -9.93 -13.97 5.88
C PRO A 53 -9.35 -15.31 6.30
N GLU A 54 -9.15 -16.22 5.35
CA GLU A 54 -8.57 -17.52 5.67
C GLU A 54 -7.15 -17.34 6.20
N THR A 55 -6.53 -16.20 5.91
CA THR A 55 -5.17 -15.96 6.36
C THR A 55 -5.10 -15.39 7.78
N PHE A 56 -6.26 -15.03 8.35
CA PHE A 56 -6.27 -14.50 9.72
C PHE A 56 -6.00 -15.64 10.70
N PRO A 57 -4.94 -15.53 11.52
CA PRO A 57 -4.61 -16.58 12.48
C PRO A 57 -5.54 -16.51 13.69
N VAL A 58 -6.81 -16.84 13.47
CA VAL A 58 -7.82 -16.77 14.52
C VAL A 58 -7.53 -17.51 15.82
N GLU A 59 -7.12 -18.77 15.73
CA GLU A 59 -6.83 -19.51 16.95
C GLU A 59 -5.70 -18.86 17.73
N THR A 60 -4.68 -18.40 17.01
CA THR A 60 -3.55 -17.75 17.64
C THR A 60 -4.01 -16.45 18.30
N ILE A 61 -4.85 -15.70 17.60
CA ILE A 61 -5.37 -14.44 18.12
C ILE A 61 -6.19 -14.68 19.39
N LYS A 62 -7.02 -15.72 19.37
CA LYS A 62 -7.84 -16.05 20.53
C LYS A 62 -6.96 -16.37 21.73
N LYS A 63 -5.91 -17.17 21.52
CA LYS A 63 -4.99 -17.55 22.58
C LYS A 63 -4.27 -16.34 23.17
N ILE A 64 -3.76 -15.48 22.31
CA ILE A 64 -3.05 -14.30 22.77
C ILE A 64 -3.99 -13.33 23.48
N ALA A 65 -5.19 -13.14 22.94
CA ALA A 65 -6.16 -12.23 23.54
C ALA A 65 -6.44 -12.64 24.98
N VAL A 66 -6.65 -13.94 25.18
CA VAL A 66 -6.91 -14.47 26.52
C VAL A 66 -5.68 -14.26 27.41
N GLU A 67 -4.50 -14.55 26.86
CA GLU A 67 -3.25 -14.38 27.60
C GLU A 67 -3.09 -12.94 28.07
N VAL A 68 -3.28 -12.01 27.13
CA VAL A 68 -3.16 -10.58 27.43
C VAL A 68 -4.14 -10.14 28.52
N LEU A 69 -5.38 -10.58 28.42
CA LEU A 69 -6.40 -10.22 29.40
C LEU A 69 -6.18 -10.86 30.76
N GLU A 70 -5.48 -11.99 30.80
CA GLU A 70 -5.22 -12.68 32.06
C GLU A 70 -3.96 -12.18 32.74
N GLU A 71 -2.95 -11.83 31.94
CA GLU A 71 -1.66 -11.39 32.48
C GLU A 71 -1.27 -9.93 32.31
N HIS A 72 -1.94 -9.21 31.41
CA HIS A 72 -1.60 -7.82 31.14
C HIS A 72 -2.84 -6.93 30.93
N ALA A 73 -3.92 -7.24 31.63
CA ALA A 73 -5.17 -6.48 31.49
C ALA A 73 -5.02 -4.97 31.58
N ASP A 74 -4.45 -4.50 32.69
CA ASP A 74 -4.27 -3.06 32.91
C ASP A 74 -3.54 -2.35 31.77
N LYS A 75 -2.38 -2.87 31.37
CA LYS A 75 -1.63 -2.23 30.29
C LYS A 75 -2.27 -2.40 28.91
N ALA A 76 -3.05 -3.46 28.74
CA ALA A 76 -3.68 -3.69 27.45
C ALA A 76 -4.99 -2.92 27.26
N LEU A 77 -5.59 -2.49 28.37
CA LEU A 77 -6.87 -1.79 28.30
C LEU A 77 -6.86 -0.30 28.67
N GLN A 78 -5.79 0.14 29.32
CA GLN A 78 -5.67 1.54 29.72
C GLN A 78 -5.16 2.39 28.57
N TYR A 79 -5.32 3.71 28.68
CA TYR A 79 -4.82 4.61 27.66
C TYR A 79 -3.32 4.32 27.54
N GLY A 80 -2.79 4.44 26.33
CA GLY A 80 -1.37 4.20 26.13
C GLY A 80 -0.70 5.50 25.71
N THR A 81 0.61 5.45 25.46
CA THR A 81 1.34 6.64 25.05
C THR A 81 1.08 6.85 23.56
N THR A 82 1.27 8.08 23.09
CA THR A 82 1.04 8.38 21.68
C THR A 82 2.07 7.63 20.82
N LYS A 83 3.31 7.55 21.31
CA LYS A 83 4.37 6.88 20.57
C LYS A 83 4.02 5.41 20.37
N GLY A 84 3.37 4.80 21.35
CA GLY A 84 2.97 3.42 21.24
C GLY A 84 3.45 2.48 22.32
N PHE A 85 2.71 1.40 22.50
CA PHE A 85 3.00 0.36 23.51
C PHE A 85 4.46 -0.09 23.40
N THR A 86 5.27 0.31 24.36
CA THR A 86 6.70 0.00 24.34
C THR A 86 7.10 -1.46 24.09
N PRO A 87 6.46 -2.43 24.76
CA PRO A 87 6.86 -3.82 24.50
C PRO A 87 6.72 -4.18 23.00
N LEU A 88 5.68 -3.65 22.36
CA LEU A 88 5.46 -3.91 20.94
C LEU A 88 6.50 -3.19 20.09
N ARG A 89 6.74 -1.91 20.39
CA ARG A 89 7.71 -1.14 19.63
C ARG A 89 9.11 -1.76 19.73
N LEU A 90 9.44 -2.30 20.90
CA LEU A 90 10.74 -2.93 21.10
C LEU A 90 10.80 -4.26 20.33
N ALA A 91 9.70 -5.01 20.35
CA ALA A 91 9.66 -6.27 19.63
C ALA A 91 9.77 -6.03 18.13
N LEU A 92 9.13 -4.96 17.66
CA LEU A 92 9.18 -4.64 16.24
C LEU A 92 10.59 -4.21 15.83
N ALA A 93 11.27 -3.47 16.69
CA ALA A 93 12.62 -3.02 16.38
C ALA A 93 13.53 -4.24 16.25
N ARG A 94 13.37 -5.18 17.18
CA ARG A 94 14.18 -6.39 17.17
C ARG A 94 13.87 -7.25 15.95
N TRP A 95 12.58 -7.44 15.68
CA TRP A 95 12.14 -8.26 14.54
C TRP A 95 12.65 -7.66 13.23
N MET A 96 12.45 -6.35 13.04
CA MET A 96 12.91 -5.70 11.83
C MET A 96 14.42 -5.77 11.67
N GLU A 97 15.15 -5.44 12.72
CA GLU A 97 16.60 -5.46 12.68
C GLU A 97 17.08 -6.84 12.20
N LYS A 98 16.48 -7.88 12.75
CA LYS A 98 16.84 -9.24 12.42
C LYS A 98 16.40 -9.69 11.03
N ARG A 99 15.12 -9.49 10.70
CA ARG A 99 14.61 -9.92 9.42
C ARG A 99 15.13 -9.16 8.20
N TYR A 100 15.37 -7.87 8.33
CA TYR A 100 15.84 -7.08 7.20
C TYR A 100 17.23 -6.48 7.36
N ASP A 101 17.90 -6.83 8.45
CA ASP A 101 19.25 -6.33 8.71
C ASP A 101 19.26 -4.81 8.57
N ILE A 102 18.36 -4.16 9.28
CA ILE A 102 18.23 -2.70 9.25
C ILE A 102 19.20 -2.04 10.24
N PRO A 103 19.98 -1.04 9.79
CA PRO A 103 20.90 -0.38 10.72
C PRO A 103 20.00 0.44 11.65
N MET A 104 19.92 0.02 12.90
CA MET A 104 19.04 0.65 13.89
C MET A 104 19.53 1.86 14.67
N SER A 105 20.81 2.21 14.55
CA SER A 105 21.34 3.35 15.30
C SER A 105 20.46 4.60 15.28
N LYS A 106 20.04 5.01 14.10
CA LYS A 106 19.22 6.20 13.96
C LYS A 106 17.76 5.86 13.67
N VAL A 107 17.30 4.75 14.23
CA VAL A 107 15.93 4.33 14.02
C VAL A 107 15.13 4.21 15.31
N GLU A 108 13.93 4.79 15.30
CA GLU A 108 13.01 4.69 16.43
C GLU A 108 11.70 4.22 15.84
N ILE A 109 10.88 3.59 16.66
CA ILE A 109 9.60 3.07 16.20
C ILE A 109 8.42 3.71 16.92
N MET A 110 7.36 4.01 16.17
CA MET A 110 6.14 4.54 16.77
C MET A 110 5.03 3.73 16.09
N THR A 111 3.93 3.50 16.79
CA THR A 111 2.84 2.76 16.19
C THR A 111 1.77 3.76 15.76
N VAL A 112 1.00 3.37 14.76
CA VAL A 112 -0.06 4.23 14.22
C VAL A 112 -1.31 3.40 13.99
N ALA A 113 -2.44 4.08 13.85
CA ALA A 113 -3.72 3.41 13.59
C ALA A 113 -3.72 3.02 12.12
N GLY A 114 -2.87 2.05 11.79
CA GLY A 114 -2.73 1.59 10.43
C GLY A 114 -1.73 2.48 9.70
N SER A 115 -1.08 1.96 8.66
CA SER A 115 -0.13 2.77 7.91
C SER A 115 -0.84 3.99 7.33
N GLN A 116 -2.15 3.89 7.15
CA GLN A 116 -2.91 5.01 6.60
C GLN A 116 -2.71 6.27 7.44
N GLN A 117 -2.69 6.10 8.75
CA GLN A 117 -2.50 7.24 9.62
C GLN A 117 -1.12 7.82 9.43
N ALA A 118 -0.15 6.96 9.16
CA ALA A 118 1.21 7.43 8.93
C ALA A 118 1.22 8.35 7.71
N LEU A 119 0.47 7.98 6.68
CA LEU A 119 0.40 8.78 5.47
C LEU A 119 -0.18 10.16 5.79
N ASP A 120 -1.27 10.18 6.53
CA ASP A 120 -1.89 11.47 6.90
C ASP A 120 -0.91 12.29 7.73
N LEU A 121 -0.22 11.63 8.67
CA LEU A 121 0.76 12.30 9.52
C LEU A 121 1.94 12.85 8.73
N ILE A 122 2.35 12.12 7.69
CA ILE A 122 3.45 12.57 6.86
C ILE A 122 3.01 13.84 6.14
N GLY A 123 1.74 13.87 5.75
CA GLY A 123 1.21 15.05 5.09
C GLY A 123 1.21 16.23 6.04
N ARG A 124 0.71 16.04 7.27
CA ARG A 124 0.66 17.10 8.26
C ARG A 124 2.02 17.62 8.65
N VAL A 125 2.94 16.70 8.88
CA VAL A 125 4.28 17.04 9.32
C VAL A 125 5.23 17.63 8.29
N PHE A 126 5.10 17.23 7.04
CA PHE A 126 6.02 17.70 5.99
C PHE A 126 5.51 18.55 4.85
N LEU A 127 4.21 18.51 4.58
CA LEU A 127 3.70 19.23 3.43
C LEU A 127 2.95 20.55 3.60
N ASN A 128 3.49 21.58 2.95
CA ASN A 128 2.87 22.91 2.93
C ASN A 128 2.22 22.96 1.56
N PRO A 129 1.17 23.77 1.39
CA PRO A 129 0.54 23.83 0.06
C PRO A 129 1.60 24.13 -0.99
N GLY A 130 1.53 23.42 -2.12
CA GLY A 130 2.50 23.66 -3.18
C GLY A 130 3.79 22.88 -3.09
N ASP A 131 4.11 22.31 -1.93
CA ASP A 131 5.35 21.53 -1.79
C ASP A 131 5.37 20.37 -2.78
N PRO A 132 6.48 20.20 -3.51
CA PRO A 132 6.56 19.10 -4.47
C PRO A 132 6.78 17.76 -3.79
N ILE A 133 5.96 16.77 -4.15
CA ILE A 133 6.10 15.43 -3.61
C ILE A 133 6.06 14.47 -4.79
N VAL A 134 6.95 13.49 -4.79
CA VAL A 134 6.98 12.52 -5.87
C VAL A 134 6.24 11.23 -5.50
N VAL A 135 5.44 10.73 -6.43
CA VAL A 135 4.73 9.48 -6.24
C VAL A 135 4.94 8.72 -7.54
N GLU A 136 4.74 7.41 -7.50
CA GLU A 136 4.89 6.61 -8.70
C GLU A 136 3.59 6.76 -9.50
N ALA A 137 3.66 6.48 -10.79
CA ALA A 137 2.49 6.54 -11.64
C ALA A 137 2.38 5.17 -12.30
N PRO A 138 1.39 4.36 -11.89
CA PRO A 138 0.37 4.61 -10.86
C PRO A 138 0.91 4.47 -9.44
N THR A 139 0.06 4.75 -8.46
CA THR A 139 0.42 4.61 -7.05
C THR A 139 -0.82 4.28 -6.22
N TYR A 140 -0.60 4.03 -4.94
CA TYR A 140 -1.65 3.69 -3.97
C TYR A 140 -2.69 4.80 -3.83
N LEU A 141 -3.93 4.50 -4.16
CA LEU A 141 -4.99 5.52 -4.08
C LEU A 141 -5.11 6.17 -2.72
N ALA A 142 -5.05 5.39 -1.65
CA ALA A 142 -5.17 5.94 -0.30
C ALA A 142 -4.04 6.91 0.01
N ALA A 143 -2.90 6.74 -0.65
CA ALA A 143 -1.79 7.67 -0.41
C ALA A 143 -2.12 9.00 -1.08
N ILE A 144 -2.66 8.94 -2.29
CA ILE A 144 -3.02 10.15 -3.01
C ILE A 144 -4.07 10.90 -2.18
N GLN A 145 -5.03 10.16 -1.65
CA GLN A 145 -6.09 10.73 -0.84
C GLN A 145 -5.54 11.41 0.42
N ALA A 146 -4.60 10.74 1.08
CA ALA A 146 -4.01 11.30 2.29
C ALA A 146 -3.22 12.57 2.02
N PHE A 147 -2.33 12.52 1.03
CA PHE A 147 -1.51 13.68 0.69
C PHE A 147 -2.24 14.85 0.07
N LYS A 148 -3.23 14.57 -0.78
CA LYS A 148 -3.97 15.63 -1.47
C LYS A 148 -4.59 16.64 -0.52
N TYR A 149 -5.04 16.19 0.64
CA TYR A 149 -5.65 17.08 1.63
C TYR A 149 -4.72 18.24 1.93
N TYR A 150 -3.41 17.98 1.89
CA TYR A 150 -2.42 19.00 2.19
C TYR A 150 -1.99 19.84 0.98
N ASP A 151 -2.67 19.61 -0.13
CA ASP A 151 -2.44 20.36 -1.37
C ASP A 151 -0.99 20.54 -1.84
N PRO A 152 -0.23 19.44 -1.97
CA PRO A 152 1.16 19.56 -2.43
C PRO A 152 1.14 19.53 -3.95
N GLU A 153 2.31 19.65 -4.57
CA GLU A 153 2.35 19.56 -6.04
C GLU A 153 2.78 18.14 -6.33
N PHE A 154 1.90 17.36 -6.91
CA PHE A 154 2.23 15.98 -7.23
C PHE A 154 3.10 15.85 -8.47
N ILE A 155 4.23 15.17 -8.31
CA ILE A 155 5.15 14.92 -9.41
C ILE A 155 5.14 13.39 -9.54
N SER A 156 4.67 12.89 -10.68
CA SER A 156 4.61 11.44 -10.87
C SER A 156 5.69 10.87 -11.77
N ILE A 157 6.19 9.70 -11.37
CA ILE A 157 7.25 9.00 -12.08
C ILE A 157 6.77 7.61 -12.47
N PRO A 158 6.91 7.26 -13.76
CA PRO A 158 6.49 5.95 -14.30
C PRO A 158 7.23 4.77 -13.69
N LEU A 159 6.68 3.58 -13.88
CA LEU A 159 7.27 2.34 -13.38
C LEU A 159 7.53 1.43 -14.57
N ASP A 160 8.24 0.35 -14.32
CA ASP A 160 8.47 -0.67 -15.34
C ASP A 160 8.59 -1.96 -14.54
N ASP A 161 9.05 -3.04 -15.17
CA ASP A 161 9.18 -4.32 -14.48
C ASP A 161 10.00 -4.25 -13.20
N LYS A 162 10.91 -3.29 -13.12
CA LYS A 162 11.75 -3.16 -11.93
C LYS A 162 11.35 -1.98 -11.04
N GLY A 163 10.07 -1.62 -11.08
CA GLY A 163 9.58 -0.53 -10.27
C GLY A 163 9.80 0.88 -10.78
N MET A 164 9.82 1.83 -9.86
CA MET A 164 10.02 3.23 -10.22
C MET A 164 11.19 3.44 -11.15
N ARG A 165 10.98 4.25 -12.18
CA ARG A 165 12.03 4.58 -13.13
C ARG A 165 12.88 5.65 -12.45
N VAL A 166 13.87 5.22 -11.68
CA VAL A 166 14.73 6.15 -10.97
C VAL A 166 15.58 6.99 -11.92
N ASP A 167 15.75 6.52 -13.15
CA ASP A 167 16.52 7.27 -14.14
C ASP A 167 15.69 8.49 -14.52
N LEU A 168 14.38 8.30 -14.66
CA LEU A 168 13.48 9.40 -14.99
C LEU A 168 13.33 10.33 -13.79
N LEU A 169 13.39 9.76 -12.59
CA LEU A 169 13.28 10.56 -11.37
C LEU A 169 14.44 11.54 -11.34
N GLU A 170 15.65 11.03 -11.56
CA GLU A 170 16.85 11.86 -11.55
C GLU A 170 16.76 13.00 -12.54
N GLU A 171 16.25 12.72 -13.74
CA GLU A 171 16.11 13.74 -14.76
C GLU A 171 15.12 14.80 -14.31
N LYS A 172 14.04 14.36 -13.66
CA LYS A 172 13.03 15.27 -13.16
C LYS A 172 13.59 16.12 -12.02
N LEU A 173 14.40 15.49 -11.17
CA LEU A 173 15.00 16.19 -10.04
C LEU A 173 15.96 17.27 -10.53
N GLU A 174 16.70 16.96 -11.58
CA GLU A 174 17.64 17.92 -12.15
C GLU A 174 16.87 19.09 -12.75
N GLU A 175 15.81 18.77 -13.50
CA GLU A 175 14.98 19.79 -14.12
C GLU A 175 14.44 20.71 -13.03
N LEU A 176 13.91 20.11 -11.97
CA LEU A 176 13.37 20.88 -10.85
C LEU A 176 14.45 21.73 -10.21
N ARG A 177 15.63 21.14 -10.00
CA ARG A 177 16.74 21.88 -9.40
C ARG A 177 17.00 23.15 -10.19
N LYS A 178 17.10 23.01 -11.51
CA LYS A 178 17.35 24.14 -12.39
C LYS A 178 16.25 25.18 -12.32
N GLN A 179 15.08 24.77 -11.82
CA GLN A 179 13.95 25.67 -11.70
C GLN A 179 13.87 26.25 -10.30
N GLY A 180 14.86 25.95 -9.48
CA GLY A 180 14.87 26.45 -8.11
C GLY A 180 13.81 25.79 -7.25
N LYS A 181 13.35 24.61 -7.67
CA LYS A 181 12.34 23.87 -6.93
C LYS A 181 12.95 22.64 -6.27
N ARG A 182 12.37 22.22 -5.15
CA ARG A 182 12.90 21.06 -4.43
C ARG A 182 11.81 20.08 -4.00
N VAL A 183 12.14 18.80 -4.06
CA VAL A 183 11.21 17.75 -3.65
C VAL A 183 11.49 17.41 -2.19
N LYS A 184 10.46 17.44 -1.38
CA LYS A 184 10.61 17.12 0.05
C LYS A 184 10.51 15.62 0.28
N ILE A 185 9.51 15.01 -0.35
CA ILE A 185 9.24 13.59 -0.17
C ILE A 185 9.09 12.80 -1.47
N VAL A 186 9.66 11.60 -1.48
CA VAL A 186 9.52 10.69 -2.60
C VAL A 186 8.81 9.50 -1.96
N TYR A 187 7.56 9.28 -2.33
CA TYR A 187 6.76 8.18 -1.79
C TYR A 187 6.77 6.99 -2.71
N THR A 188 7.15 5.83 -2.18
CA THR A 188 7.20 4.61 -2.97
C THR A 188 6.70 3.36 -2.26
N VAL A 189 5.89 2.57 -2.96
CA VAL A 189 5.43 1.30 -2.43
C VAL A 189 6.39 0.41 -3.19
N SER A 190 7.61 0.32 -2.67
CA SER A 190 8.71 -0.40 -3.30
C SER A 190 8.58 -1.88 -3.62
N THR A 191 7.78 -2.61 -2.85
CA THR A 191 7.66 -4.05 -3.07
C THR A 191 6.23 -4.54 -3.29
N PHE A 192 6.01 -5.21 -4.43
CA PHE A 192 4.71 -5.73 -4.81
C PHE A 192 3.70 -4.59 -4.71
N GLN A 193 3.93 -3.57 -5.51
CA GLN A 193 3.10 -2.37 -5.49
C GLN A 193 1.59 -2.53 -5.64
N ASN A 194 0.89 -1.69 -4.89
CA ASN A 194 -0.55 -1.61 -4.99
C ASN A 194 -0.58 -0.30 -5.76
N PRO A 195 -1.15 -0.29 -6.97
CA PRO A 195 -1.81 -1.35 -7.72
C PRO A 195 -1.03 -2.20 -8.74
N ALA A 196 0.15 -1.76 -9.15
CA ALA A 196 0.90 -2.45 -10.21
C ALA A 196 1.51 -3.83 -9.96
N GLY A 197 1.85 -4.15 -8.72
CA GLY A 197 2.43 -5.45 -8.44
C GLY A 197 3.92 -5.58 -8.72
N VAL A 198 4.53 -4.52 -9.27
CA VAL A 198 5.96 -4.55 -9.58
C VAL A 198 6.79 -4.24 -8.33
N THR A 199 8.08 -4.57 -8.40
CA THR A 199 8.99 -4.39 -7.28
C THR A 199 10.28 -3.69 -7.69
N MET A 200 10.65 -2.65 -6.94
CA MET A 200 11.87 -1.89 -7.22
C MET A 200 13.10 -2.79 -7.07
N SER A 201 13.94 -2.83 -8.10
CA SER A 201 15.14 -3.66 -8.05
C SER A 201 16.10 -3.11 -7.01
N VAL A 202 16.96 -3.98 -6.46
CA VAL A 202 17.92 -3.56 -5.45
C VAL A 202 18.84 -2.46 -5.96
N ASP A 203 19.26 -2.54 -7.22
CA ASP A 203 20.13 -1.51 -7.78
C ASP A 203 19.43 -0.16 -7.76
N ARG A 204 18.12 -0.15 -8.07
CA ARG A 204 17.38 1.10 -8.06
C ARG A 204 17.15 1.62 -6.64
N ARG A 205 17.05 0.71 -5.67
CA ARG A 205 16.84 1.10 -4.28
C ARG A 205 18.08 1.87 -3.81
N LYS A 206 19.26 1.33 -4.12
CA LYS A 206 20.51 1.97 -3.75
C LYS A 206 20.64 3.31 -4.44
N LYS A 207 20.24 3.37 -5.71
CA LYS A 207 20.32 4.61 -6.47
C LYS A 207 19.36 5.65 -5.91
N LEU A 208 18.17 5.22 -5.50
CA LEU A 208 17.19 6.15 -4.96
C LEU A 208 17.77 6.82 -3.71
N LEU A 209 18.47 6.03 -2.90
CA LEU A 209 19.08 6.55 -1.69
C LEU A 209 20.17 7.55 -2.03
N GLU A 210 20.95 7.25 -3.06
CA GLU A 210 22.02 8.16 -3.48
C GLU A 210 21.37 9.48 -3.87
N LEU A 211 20.30 9.40 -4.66
CA LEU A 211 19.59 10.59 -5.10
C LEU A 211 19.02 11.36 -3.91
N ALA A 212 18.57 10.63 -2.89
CA ALA A 212 18.00 11.27 -1.70
C ALA A 212 19.05 12.17 -1.04
N ASN A 213 20.30 11.72 -1.05
CA ASN A 213 21.38 12.50 -0.48
C ASN A 213 21.79 13.62 -1.42
N GLU A 214 21.92 13.29 -2.70
CA GLU A 214 22.31 14.28 -3.71
C GLU A 214 21.33 15.43 -3.83
N TYR A 215 20.04 15.11 -3.87
CA TYR A 215 19.01 16.14 -4.01
C TYR A 215 18.31 16.48 -2.69
N ASP A 216 18.86 15.94 -1.61
CA ASP A 216 18.37 16.18 -0.25
C ASP A 216 16.85 16.11 -0.06
N PHE A 217 16.31 14.89 -0.12
CA PHE A 217 14.88 14.69 0.09
C PHE A 217 14.71 13.48 1.00
N LEU A 218 13.51 13.25 1.49
CA LEU A 218 13.24 12.10 2.35
C LEU A 218 12.45 11.10 1.56
N ILE A 219 12.67 9.82 1.86
CA ILE A 219 11.96 8.74 1.18
C ILE A 219 10.94 8.11 2.12
N VAL A 220 9.69 7.98 1.66
CA VAL A 220 8.68 7.31 2.46
C VAL A 220 8.50 5.96 1.77
N GLU A 221 8.94 4.89 2.44
CA GLU A 221 8.80 3.56 1.88
C GLU A 221 7.65 2.83 2.55
N ASP A 222 6.58 2.62 1.79
CA ASP A 222 5.40 1.93 2.29
C ASP A 222 5.68 0.44 2.07
N GLY A 223 5.76 -0.33 3.15
CA GLY A 223 6.07 -1.74 3.00
C GLY A 223 5.01 -2.71 3.51
N PRO A 224 3.76 -2.58 3.05
CA PRO A 224 2.68 -3.46 3.48
C PRO A 224 2.84 -4.93 3.06
N TYR A 225 3.58 -5.16 1.99
CA TYR A 225 3.77 -6.53 1.48
C TYR A 225 5.21 -7.00 1.55
N SER A 226 6.04 -6.33 2.35
CA SER A 226 7.44 -6.70 2.46
C SER A 226 7.63 -8.16 2.87
N GLU A 227 6.68 -8.69 3.62
CA GLU A 227 6.76 -10.08 4.09
C GLU A 227 6.10 -11.09 3.16
N LEU A 228 5.51 -10.62 2.06
CA LEU A 228 4.78 -11.52 1.18
C LEU A 228 5.35 -11.83 -0.20
N ARG A 229 6.60 -12.25 -0.26
CA ARG A 229 7.20 -12.61 -1.55
C ARG A 229 6.90 -14.09 -1.76
N TYR A 230 6.42 -14.44 -2.95
CA TYR A 230 6.10 -15.83 -3.24
C TYR A 230 7.16 -16.49 -4.11
N SER A 231 7.87 -15.67 -4.88
CA SER A 231 8.92 -16.18 -5.77
C SER A 231 9.90 -15.09 -6.15
N GLY A 232 10.92 -15.46 -6.92
CA GLY A 232 11.92 -14.50 -7.33
C GLY A 232 12.94 -14.27 -6.23
N GLU A 233 13.88 -13.38 -6.50
CA GLU A 233 14.94 -13.08 -5.53
C GLU A 233 14.54 -12.01 -4.54
N PRO A 234 14.81 -12.26 -3.25
CA PRO A 234 14.49 -11.30 -2.19
C PRO A 234 15.02 -9.92 -2.52
N THR A 235 14.27 -8.89 -2.15
CA THR A 235 14.66 -7.51 -2.36
C THR A 235 14.53 -6.81 -1.01
N PRO A 236 15.65 -6.57 -0.33
CA PRO A 236 15.61 -5.90 0.96
C PRO A 236 14.93 -4.54 0.88
N PRO A 237 14.22 -4.14 1.94
CA PRO A 237 13.54 -2.84 1.93
C PRO A 237 14.63 -1.77 1.68
N ILE A 238 14.23 -0.66 1.10
CA ILE A 238 15.16 0.44 0.86
C ILE A 238 15.76 0.83 2.21
N LYS A 239 14.97 0.66 3.27
CA LYS A 239 15.39 0.99 4.63
C LYS A 239 16.65 0.24 5.05
N HIS A 240 16.84 -0.96 4.52
CA HIS A 240 18.02 -1.75 4.88
C HIS A 240 19.32 -1.04 4.49
N PHE A 241 19.27 -0.24 3.44
CA PHE A 241 20.44 0.48 2.94
C PHE A 241 20.59 1.87 3.53
N ASP A 242 19.62 2.27 4.35
CA ASP A 242 19.60 3.60 4.96
C ASP A 242 20.36 3.65 6.30
N ASP A 243 21.47 4.39 6.31
CA ASP A 243 22.29 4.52 7.51
C ASP A 243 22.16 5.88 8.20
N TYR A 244 21.48 6.82 7.57
CA TYR A 244 21.36 8.16 8.15
C TYR A 244 19.96 8.64 8.50
N GLY A 245 18.93 7.95 8.01
CA GLY A 245 17.58 8.37 8.32
C GLY A 245 16.89 9.07 7.16
N ARG A 246 17.30 8.73 5.95
CA ARG A 246 16.72 9.30 4.75
C ARG A 246 15.37 8.65 4.48
N VAL A 247 15.18 7.45 5.03
CA VAL A 247 13.96 6.69 4.81
C VAL A 247 13.00 6.59 5.99
N ILE A 248 11.73 6.83 5.71
CA ILE A 248 10.67 6.70 6.72
C ILE A 248 9.97 5.41 6.25
N TYR A 249 10.16 4.33 7.00
CA TYR A 249 9.56 3.04 6.63
C TYR A 249 8.23 2.79 7.32
N LEU A 250 7.26 2.36 6.53
CA LEU A 250 5.92 2.08 7.06
C LEU A 250 5.59 0.60 6.97
N GLY A 251 5.39 -0.02 8.13
CA GLY A 251 5.03 -1.42 8.15
C GLY A 251 3.61 -1.50 8.67
N THR A 252 2.95 -2.64 8.48
CA THR A 252 1.60 -2.81 8.99
C THR A 252 1.27 -4.26 9.26
N PHE A 253 0.37 -4.48 10.21
CA PHE A 253 -0.09 -5.82 10.58
C PHE A 253 -1.29 -6.21 9.73
N SER A 254 -1.73 -5.30 8.88
CA SER A 254 -2.90 -5.55 8.04
C SER A 254 -2.87 -6.80 7.17
N LYS A 255 -1.72 -7.11 6.57
CA LYS A 255 -1.65 -8.28 5.70
C LYS A 255 -0.94 -9.48 6.32
N ILE A 256 -0.37 -9.29 7.51
CA ILE A 256 0.36 -10.37 8.16
C ILE A 256 -0.30 -10.86 9.44
N LEU A 257 -1.34 -10.15 9.88
CA LEU A 257 -2.10 -10.51 11.08
C LEU A 257 -3.57 -10.37 10.71
N ALA A 258 -4.04 -9.13 10.68
CA ALA A 258 -5.42 -8.82 10.29
C ALA A 258 -5.57 -7.31 10.23
N PRO A 259 -6.31 -6.80 9.22
CA PRO A 259 -6.53 -5.37 9.05
C PRO A 259 -7.30 -4.74 10.21
N GLY A 260 -8.17 -5.55 10.81
CA GLY A 260 -9.01 -5.09 11.90
C GLY A 260 -8.38 -4.41 13.09
N PHE A 261 -7.19 -4.84 13.48
CA PHE A 261 -6.52 -4.27 14.64
C PHE A 261 -6.10 -2.82 14.42
N ARG A 262 -6.02 -2.41 13.15
CA ARG A 262 -5.61 -1.05 12.80
C ARG A 262 -4.31 -0.70 13.52
N ILE A 263 -3.28 -1.51 13.29
CA ILE A 263 -1.98 -1.26 13.88
C ILE A 263 -0.91 -1.30 12.81
N GLY A 264 -0.19 -0.19 12.70
CA GLY A 264 0.89 -0.10 11.74
C GLY A 264 2.05 0.50 12.52
N TRP A 265 3.22 0.56 11.91
CA TRP A 265 4.34 1.16 12.62
C TRP A 265 5.20 1.95 11.68
N VAL A 266 5.94 2.89 12.25
CA VAL A 266 6.82 3.75 11.48
C VAL A 266 8.22 3.61 12.04
N ALA A 267 9.17 3.32 11.15
CA ALA A 267 10.57 3.18 11.55
C ALA A 267 11.30 4.34 10.90
N ALA A 268 11.73 5.31 11.71
CA ALA A 268 12.40 6.49 11.17
C ALA A 268 13.31 7.18 12.18
N HIS A 269 13.98 8.23 11.73
CA HIS A 269 14.89 8.99 12.58
C HIS A 269 14.09 9.63 13.73
N PRO A 270 14.67 9.61 14.95
CA PRO A 270 14.02 10.19 16.13
C PRO A 270 13.42 11.58 15.91
N HIS A 271 14.14 12.44 15.19
CA HIS A 271 13.65 13.79 14.94
C HIS A 271 12.32 13.80 14.21
N LEU A 272 12.15 12.86 13.29
CA LEU A 272 10.91 12.79 12.53
C LEU A 272 9.81 12.15 13.36
N ILE A 273 10.18 11.10 14.10
CA ILE A 273 9.21 10.41 14.94
C ILE A 273 8.61 11.36 15.97
N ARG A 274 9.44 12.18 16.59
CA ARG A 274 8.95 13.11 17.60
C ARG A 274 7.91 14.09 17.06
N LYS A 275 8.11 14.54 15.83
CA LYS A 275 7.18 15.47 15.21
C LYS A 275 5.89 14.75 14.89
N MET A 276 6.01 13.53 14.34
CA MET A 276 4.84 12.74 13.99
C MET A 276 4.03 12.41 15.25
N GLU A 277 4.74 12.18 16.35
CA GLU A 277 4.12 11.86 17.63
C GLU A 277 3.26 13.03 18.13
N ILE A 278 3.81 14.24 18.03
CA ILE A 278 3.10 15.44 18.47
C ILE A 278 1.85 15.63 17.63
N ALA A 279 1.99 15.43 16.32
CA ALA A 279 0.87 15.58 15.41
C ALA A 279 -0.21 14.54 15.67
N LYS A 280 0.21 13.30 15.96
CA LYS A 280 -0.74 12.22 16.21
C LYS A 280 -1.58 12.40 17.46
N GLN A 281 -0.94 12.91 18.51
CA GLN A 281 -1.62 13.11 19.79
C GLN A 281 -3.00 13.75 19.68
N SER A 282 -3.10 14.84 18.94
CA SER A 282 -4.38 15.54 18.80
C SER A 282 -5.36 14.84 17.85
N ILE A 283 -4.87 13.85 17.11
CA ILE A 283 -5.71 13.12 16.18
C ILE A 283 -6.49 11.97 16.83
N ASP A 284 -5.81 11.15 17.64
CA ASP A 284 -6.50 10.04 18.29
C ASP A 284 -5.93 9.62 19.64
N LEU A 285 -5.07 10.46 20.20
CA LEU A 285 -4.42 10.21 21.49
C LEU A 285 -3.41 9.06 21.45
N CYS A 286 -3.87 7.87 21.08
CA CYS A 286 -3.00 6.71 20.98
C CYS A 286 -3.63 5.61 20.13
N THR A 287 -2.80 4.73 19.61
CA THR A 287 -3.26 3.59 18.81
C THR A 287 -3.93 2.66 19.82
N ASN A 288 -4.93 1.89 19.40
CA ASN A 288 -5.61 1.04 20.37
C ASN A 288 -4.63 0.08 21.05
N THR A 289 -4.64 0.16 22.37
CA THR A 289 -3.75 -0.60 23.24
C THR A 289 -3.99 -2.10 23.28
N PHE A 290 -5.25 -2.51 23.17
CA PHE A 290 -5.59 -3.93 23.19
C PHE A 290 -4.97 -4.63 21.99
N GLY A 291 -5.12 -4.05 20.81
CA GLY A 291 -4.55 -4.62 19.62
C GLY A 291 -3.04 -4.58 19.68
N GLN A 292 -2.48 -3.54 20.30
CA GLN A 292 -1.02 -3.43 20.41
C GLN A 292 -0.44 -4.53 21.30
N ALA A 293 -1.13 -4.83 22.40
CA ALA A 293 -0.67 -5.86 23.31
C ALA A 293 -0.72 -7.21 22.59
N ILE A 294 -1.77 -7.43 21.82
CA ILE A 294 -1.89 -8.68 21.06
C ILE A 294 -0.76 -8.78 20.02
N ALA A 295 -0.53 -7.69 19.29
CA ALA A 295 0.53 -7.69 18.28
C ALA A 295 1.89 -7.91 18.94
N TRP A 296 2.05 -7.40 20.15
CA TRP A 296 3.29 -7.56 20.89
C TRP A 296 3.67 -9.03 21.03
N LYS A 297 2.73 -9.83 21.54
CA LYS A 297 2.97 -11.26 21.72
C LYS A 297 3.08 -11.98 20.39
N TYR A 298 2.28 -11.55 19.43
CA TYR A 298 2.28 -12.14 18.10
C TYR A 298 3.69 -12.09 17.51
N VAL A 299 4.35 -10.94 17.64
CA VAL A 299 5.69 -10.76 17.10
C VAL A 299 6.79 -11.37 17.99
N GLU A 300 6.81 -10.95 19.25
CA GLU A 300 7.83 -11.41 20.17
C GLU A 300 7.88 -12.91 20.46
N ASN A 301 6.72 -13.56 20.50
CA ASN A 301 6.71 -14.99 20.80
C ASN A 301 6.87 -15.92 19.59
N GLY A 302 7.17 -15.35 18.43
CA GLY A 302 7.39 -16.16 17.24
C GLY A 302 6.20 -16.52 16.37
N TYR A 303 4.99 -16.10 16.74
CA TYR A 303 3.81 -16.42 15.96
C TYR A 303 3.89 -15.82 14.55
N LEU A 304 4.27 -14.55 14.46
CA LEU A 304 4.37 -13.90 13.17
C LEU A 304 5.28 -14.67 12.21
N ASP A 305 6.49 -14.98 12.67
CA ASP A 305 7.42 -15.70 11.83
C ASP A 305 6.90 -17.07 11.38
N GLU A 306 6.12 -17.72 12.23
CA GLU A 306 5.55 -19.03 11.88
C GLU A 306 4.40 -18.88 10.90
N HIS A 307 3.65 -17.78 11.02
CA HIS A 307 2.49 -17.58 10.16
C HIS A 307 2.77 -17.08 8.74
N ILE A 308 3.82 -16.28 8.58
CA ILE A 308 4.16 -15.74 7.27
C ILE A 308 4.24 -16.81 6.17
N PRO A 309 4.96 -17.92 6.41
CA PRO A 309 5.07 -18.98 5.40
C PRO A 309 3.71 -19.56 5.03
N LYS A 310 2.81 -19.62 6.00
CA LYS A 310 1.47 -20.15 5.78
C LYS A 310 0.69 -19.22 4.86
N ILE A 311 0.86 -17.92 5.04
CA ILE A 311 0.17 -16.94 4.20
C ILE A 311 0.68 -17.08 2.77
N ILE A 312 2.00 -17.16 2.63
CA ILE A 312 2.63 -17.30 1.33
C ILE A 312 2.11 -18.53 0.62
N GLU A 313 2.03 -19.64 1.35
CA GLU A 313 1.55 -20.90 0.81
C GLU A 313 0.09 -20.80 0.35
N PHE A 314 -0.70 -19.97 1.04
CA PHE A 314 -2.10 -19.79 0.67
C PHE A 314 -2.28 -18.89 -0.55
N TYR A 315 -1.55 -17.78 -0.59
CA TYR A 315 -1.65 -16.84 -1.71
C TYR A 315 -0.95 -17.22 -3.01
N LYS A 316 0.21 -17.85 -2.89
CA LYS A 316 0.99 -18.23 -4.08
C LYS A 316 0.16 -18.93 -5.16
N PRO A 317 -0.65 -19.93 -4.78
CA PRO A 317 -1.47 -20.65 -5.76
C PRO A 317 -2.47 -19.72 -6.47
N ARG A 318 -3.00 -18.76 -5.74
CA ARG A 318 -3.96 -17.81 -6.31
C ARG A 318 -3.23 -16.87 -7.26
N ARG A 319 -2.01 -16.49 -6.89
CA ARG A 319 -1.17 -15.64 -7.71
C ARG A 319 -0.95 -16.39 -9.03
N ASP A 320 -0.52 -17.65 -8.91
CA ASP A 320 -0.27 -18.47 -10.08
C ASP A 320 -1.49 -18.68 -10.95
N ALA A 321 -2.63 -18.93 -10.33
CA ALA A 321 -3.87 -19.15 -11.07
C ALA A 321 -4.23 -17.92 -11.93
N MET A 322 -4.03 -16.73 -11.37
CA MET A 322 -4.36 -15.53 -12.14
C MET A 322 -3.42 -15.34 -13.33
N LEU A 323 -2.13 -15.55 -13.11
CA LEU A 323 -1.16 -15.39 -14.19
C LEU A 323 -1.36 -16.45 -15.28
N GLU A 324 -1.77 -17.64 -14.86
CA GLU A 324 -2.02 -18.74 -15.79
C GLU A 324 -3.26 -18.47 -16.62
N ALA A 325 -4.30 -17.95 -15.97
CA ALA A 325 -5.57 -17.64 -16.65
C ALA A 325 -5.40 -16.49 -17.65
N LEU A 326 -4.62 -15.49 -17.28
CA LEU A 326 -4.38 -14.35 -18.17
C LEU A 326 -3.69 -14.83 -19.45
N GLU A 327 -2.69 -15.69 -19.29
CA GLU A 327 -1.94 -16.24 -20.41
C GLU A 327 -2.85 -17.12 -21.27
N GLU A 328 -3.72 -17.88 -20.62
CA GLU A 328 -4.64 -18.79 -21.29
C GLU A 328 -5.76 -18.11 -22.08
N TYR A 329 -6.42 -17.13 -21.46
CA TYR A 329 -7.57 -16.47 -22.09
C TYR A 329 -7.41 -15.08 -22.73
N MET A 330 -6.48 -14.27 -22.25
CA MET A 330 -6.32 -12.93 -22.81
C MET A 330 -5.92 -12.92 -24.28
N PRO A 331 -6.55 -12.02 -25.07
CA PRO A 331 -6.25 -11.90 -26.49
C PRO A 331 -4.98 -11.10 -26.70
N GLU A 332 -4.40 -11.22 -27.89
CA GLU A 332 -3.17 -10.51 -28.21
C GLU A 332 -3.45 -9.01 -28.09
N GLY A 333 -2.46 -8.26 -27.65
CA GLY A 333 -2.64 -6.83 -27.47
C GLY A 333 -2.81 -6.48 -26.00
N VAL A 334 -2.94 -7.51 -25.17
CA VAL A 334 -3.11 -7.31 -23.73
C VAL A 334 -1.82 -7.70 -23.00
N GLU A 335 -1.40 -6.85 -22.08
CA GLU A 335 -0.19 -7.10 -21.30
C GLU A 335 -0.52 -7.02 -19.83
N TRP A 336 0.33 -7.60 -19.00
CA TRP A 336 0.11 -7.57 -17.56
C TRP A 336 1.42 -7.77 -16.82
N THR A 337 1.49 -7.26 -15.60
CA THR A 337 2.68 -7.41 -14.80
C THR A 337 2.74 -8.84 -14.27
N LYS A 338 3.91 -9.24 -13.80
CA LYS A 338 4.12 -10.58 -13.25
C LYS A 338 4.59 -10.42 -11.81
N PRO A 339 3.68 -10.10 -10.89
CA PRO A 339 4.03 -9.92 -9.48
C PRO A 339 4.67 -11.15 -8.85
N GLU A 340 5.73 -10.94 -8.08
CA GLU A 340 6.42 -12.03 -7.41
C GLU A 340 5.96 -12.12 -5.96
N GLY A 341 4.87 -11.41 -5.66
CA GLY A 341 4.31 -11.42 -4.32
C GLY A 341 3.16 -10.42 -4.20
N GLY A 342 2.65 -10.23 -2.99
CA GLY A 342 1.59 -9.27 -2.81
C GLY A 342 0.20 -9.75 -3.17
N MET A 343 -0.65 -8.82 -3.60
CA MET A 343 -2.03 -9.17 -3.91
C MET A 343 -2.58 -8.63 -5.23
N PHE A 344 -1.76 -7.89 -5.98
CA PHE A 344 -2.26 -7.28 -7.20
C PHE A 344 -1.50 -7.49 -8.50
N VAL A 345 -2.23 -7.37 -9.61
CA VAL A 345 -1.67 -7.48 -10.95
C VAL A 345 -2.23 -6.33 -11.77
N ARG A 346 -1.39 -5.67 -12.57
CA ARG A 346 -1.89 -4.59 -13.43
C ARG A 346 -2.03 -5.15 -14.83
N VAL A 347 -3.19 -4.90 -15.45
CA VAL A 347 -3.44 -5.34 -16.81
C VAL A 347 -3.53 -4.10 -17.68
N THR A 348 -2.85 -4.12 -18.82
CA THR A 348 -2.86 -2.99 -19.72
C THR A 348 -3.48 -3.38 -21.06
N LEU A 349 -4.45 -2.59 -21.50
CA LEU A 349 -5.12 -2.88 -22.76
C LEU A 349 -4.61 -1.94 -23.84
N PRO A 350 -4.94 -2.22 -25.12
CA PRO A 350 -4.47 -1.34 -26.19
C PRO A 350 -4.88 0.12 -25.96
N GLU A 351 -4.03 1.04 -26.41
CA GLU A 351 -4.32 2.47 -26.28
C GLU A 351 -5.67 2.73 -26.93
N GLY A 352 -6.42 3.70 -26.40
CA GLY A 352 -7.71 3.99 -26.97
C GLY A 352 -8.85 3.36 -26.22
N ILE A 353 -8.54 2.38 -25.38
CA ILE A 353 -9.58 1.73 -24.59
C ILE A 353 -9.67 2.40 -23.22
N ASP A 354 -10.90 2.67 -22.79
CA ASP A 354 -11.15 3.32 -21.51
C ASP A 354 -11.76 2.24 -20.61
N THR A 355 -10.98 1.75 -19.64
CA THR A 355 -11.47 0.70 -18.75
C THR A 355 -12.52 1.20 -17.77
N LYS A 356 -12.68 2.51 -17.66
CA LYS A 356 -13.72 3.04 -16.78
C LYS A 356 -15.05 2.87 -17.51
N LEU A 357 -15.09 3.26 -18.77
CA LEU A 357 -16.30 3.14 -19.57
C LEU A 357 -16.66 1.68 -19.83
N MET A 358 -15.64 0.83 -19.93
CA MET A 358 -15.85 -0.61 -20.18
C MET A 358 -16.40 -1.32 -18.94
N MET A 359 -16.30 -0.67 -17.79
CA MET A 359 -16.75 -1.26 -16.53
C MET A 359 -18.16 -1.86 -16.58
N GLU A 360 -19.16 -1.08 -16.99
CA GLU A 360 -20.51 -1.62 -17.03
C GLU A 360 -20.62 -2.81 -17.97
N ARG A 361 -19.80 -2.83 -19.02
CA ARG A 361 -19.83 -3.94 -19.97
C ARG A 361 -19.19 -5.17 -19.32
N ALA A 362 -18.20 -4.94 -18.47
CA ALA A 362 -17.55 -6.04 -17.76
C ALA A 362 -18.55 -6.58 -16.76
N VAL A 363 -19.18 -5.69 -16.00
CA VAL A 363 -20.17 -6.09 -15.01
C VAL A 363 -21.29 -6.87 -15.69
N ALA A 364 -21.67 -6.43 -16.90
CA ALA A 364 -22.73 -7.12 -17.63
C ALA A 364 -22.34 -8.56 -17.92
N LYS A 365 -21.03 -8.82 -18.07
CA LYS A 365 -20.56 -10.17 -18.35
C LYS A 365 -20.16 -10.93 -17.09
N GLY A 366 -20.44 -10.35 -15.93
CA GLY A 366 -20.14 -11.03 -14.68
C GLY A 366 -18.77 -10.88 -14.05
N VAL A 367 -18.09 -9.77 -14.32
CA VAL A 367 -16.77 -9.56 -13.71
C VAL A 367 -16.52 -8.09 -13.42
N ALA A 368 -15.73 -7.84 -12.37
CA ALA A 368 -15.39 -6.48 -11.95
C ALA A 368 -13.90 -6.34 -11.69
N TYR A 369 -13.40 -5.12 -11.84
CA TYR A 369 -12.00 -4.79 -11.62
C TYR A 369 -11.98 -3.32 -11.27
N VAL A 370 -10.81 -2.79 -10.94
CA VAL A 370 -10.72 -1.36 -10.61
C VAL A 370 -10.15 -0.62 -11.81
N PRO A 371 -10.94 0.27 -12.43
CA PRO A 371 -10.40 1.01 -13.57
C PRO A 371 -9.12 1.71 -13.09
N GLY A 372 -8.05 1.60 -13.86
CA GLY A 372 -6.78 2.19 -13.45
C GLY A 372 -6.64 3.70 -13.35
N GLU A 373 -7.55 4.44 -13.97
CA GLU A 373 -7.51 5.90 -13.96
C GLU A 373 -7.32 6.51 -12.57
N ALA A 374 -7.98 5.94 -11.58
CA ALA A 374 -7.93 6.42 -10.20
C ALA A 374 -6.56 6.40 -9.51
N PHE A 375 -5.68 5.51 -9.95
CA PHE A 375 -4.36 5.39 -9.35
C PHE A 375 -3.38 6.44 -9.87
N PHE A 376 -3.86 7.33 -10.73
CA PHE A 376 -3.03 8.39 -11.31
C PHE A 376 -3.50 9.73 -10.75
N VAL A 377 -2.56 10.50 -10.20
CA VAL A 377 -2.88 11.79 -9.62
C VAL A 377 -3.85 12.65 -10.44
N HIS A 378 -3.62 12.71 -11.75
CA HIS A 378 -4.47 13.49 -12.64
C HIS A 378 -5.46 12.62 -13.41
N ARG A 379 -5.43 11.32 -13.16
CA ARG A 379 -6.34 10.40 -13.82
C ARG A 379 -6.24 10.55 -15.34
N ASP A 380 -5.01 10.53 -15.85
CA ASP A 380 -4.78 10.69 -17.28
C ASP A 380 -4.60 9.42 -18.12
N LYS A 381 -4.26 8.31 -17.48
CA LYS A 381 -4.11 7.06 -18.22
C LYS A 381 -5.39 6.25 -18.02
N LYS A 382 -6.02 5.83 -19.12
CA LYS A 382 -7.29 5.13 -19.03
C LYS A 382 -7.38 3.70 -19.59
N ASN A 383 -6.27 3.13 -20.03
CA ASN A 383 -6.30 1.78 -20.59
C ASN A 383 -5.78 0.69 -19.65
N THR A 384 -5.74 0.99 -18.35
CA THR A 384 -5.25 -0.01 -17.40
C THR A 384 -6.28 -0.37 -16.34
N MET A 385 -6.01 -1.44 -15.60
CA MET A 385 -6.89 -1.88 -14.53
C MET A 385 -6.12 -2.65 -13.48
N ARG A 386 -6.66 -2.68 -12.27
CA ARG A 386 -6.02 -3.42 -11.19
C ARG A 386 -6.87 -4.65 -10.90
N LEU A 387 -6.21 -5.81 -10.85
CA LEU A 387 -6.90 -7.06 -10.52
C LEU A 387 -6.32 -7.56 -9.20
N ASN A 388 -7.15 -8.27 -8.44
CA ASN A 388 -6.78 -8.83 -7.15
C ASN A 388 -6.98 -10.34 -7.17
N PHE A 389 -6.04 -11.09 -6.59
CA PHE A 389 -6.13 -12.54 -6.58
C PHE A 389 -6.16 -13.17 -5.19
N THR A 390 -5.99 -12.37 -4.15
CA THR A 390 -5.98 -12.88 -2.79
C THR A 390 -7.33 -13.32 -2.24
N TYR A 391 -8.38 -12.59 -2.60
CA TYR A 391 -9.71 -12.85 -2.07
C TYR A 391 -10.54 -13.99 -2.66
N VAL A 392 -10.24 -14.44 -3.88
CA VAL A 392 -11.03 -15.52 -4.47
C VAL A 392 -10.23 -16.76 -4.85
N PRO A 393 -10.84 -17.94 -4.71
CA PRO A 393 -10.20 -19.22 -5.04
C PRO A 393 -9.78 -19.32 -6.50
N GLU A 394 -8.82 -20.19 -6.77
CA GLU A 394 -8.28 -20.38 -8.11
C GLU A 394 -9.32 -20.55 -9.23
N GLU A 395 -10.33 -21.38 -9.01
CA GLU A 395 -11.33 -21.58 -10.06
C GLU A 395 -12.12 -20.31 -10.34
N THR A 396 -12.44 -19.57 -9.29
CA THR A 396 -13.19 -18.32 -9.45
C THR A 396 -12.33 -17.32 -10.21
N ILE A 397 -11.03 -17.32 -9.91
CA ILE A 397 -10.09 -16.43 -10.58
C ILE A 397 -10.09 -16.72 -12.07
N ARG A 398 -10.01 -18.01 -12.42
CA ARG A 398 -9.99 -18.39 -13.83
C ARG A 398 -11.29 -18.00 -14.54
N GLU A 399 -12.42 -18.27 -13.90
CA GLU A 399 -13.71 -17.92 -14.49
C GLU A 399 -13.79 -16.41 -14.64
N GLY A 400 -13.31 -15.69 -13.63
CA GLY A 400 -13.34 -14.25 -13.67
C GLY A 400 -12.48 -13.71 -14.81
N VAL A 401 -11.27 -14.27 -14.97
CA VAL A 401 -10.38 -13.84 -16.04
C VAL A 401 -10.96 -14.19 -17.39
N ARG A 402 -11.65 -15.33 -17.48
CA ARG A 402 -12.27 -15.74 -18.74
C ARG A 402 -13.32 -14.72 -19.17
N ARG A 403 -14.14 -14.29 -18.24
CA ARG A 403 -15.19 -13.31 -18.52
C ARG A 403 -14.59 -11.96 -18.88
N LEU A 404 -13.49 -11.62 -18.23
CA LEU A 404 -12.82 -10.35 -18.51
C LEU A 404 -12.23 -10.36 -19.91
N ALA A 405 -11.68 -11.50 -20.32
CA ALA A 405 -11.08 -11.65 -21.64
C ALA A 405 -12.13 -11.47 -22.74
N GLU A 406 -13.33 -12.01 -22.54
CA GLU A 406 -14.39 -11.86 -23.54
C GLU A 406 -14.81 -10.39 -23.62
N THR A 407 -14.88 -9.74 -22.45
CA THR A 407 -15.24 -8.33 -22.37
C THR A 407 -14.26 -7.51 -23.20
N ILE A 408 -12.98 -7.82 -23.04
CA ILE A 408 -11.92 -7.13 -23.76
C ILE A 408 -11.96 -7.39 -25.26
N LYS A 409 -12.21 -8.63 -25.65
CA LYS A 409 -12.27 -8.96 -27.08
C LYS A 409 -13.34 -8.08 -27.73
N GLU A 410 -14.48 -7.95 -27.05
CA GLU A 410 -15.58 -7.16 -27.57
C GLU A 410 -15.27 -5.67 -27.55
N GLU A 411 -14.63 -5.19 -26.48
CA GLU A 411 -14.28 -3.79 -26.36
C GLU A 411 -13.34 -3.40 -27.51
N MET A 412 -12.41 -4.29 -27.83
CA MET A 412 -11.46 -4.03 -28.90
C MET A 412 -12.14 -3.85 -30.25
N LYS A 413 -13.37 -4.36 -30.38
CA LYS A 413 -14.12 -4.24 -31.63
C LYS A 413 -14.75 -2.86 -31.77
N ARG A 414 -15.14 -2.26 -30.65
CA ARG A 414 -15.76 -0.94 -30.66
C ARG A 414 -15.04 0.05 -31.54
N VAL A 415 -13.71 0.10 -31.42
CA VAL A 415 -12.90 1.00 -32.23
C VAL A 415 -11.63 0.28 -32.68
#